data_4H42
#
_entry.id   4H42
#
_cell.length_a   120.916
_cell.length_b   120.916
_cell.length_c   42.875
_cell.angle_alpha   90.00
_cell.angle_beta   90.00
_cell.angle_gamma   120.00
#
_symmetry.space_group_name_H-M   'H 3'
#
loop_
_entity.id
_entity.type
_entity.pdbx_description
1 polymer 'Urokinase-type plasminogen activator'
2 non-polymer N-[(2-amino-1,3-benzothiazol-6-yl)carbonyl]glycine
3 non-polymer 1-(2-METHOXY-ETHOXY)-2-{2-[2-(2-METHOXY-ETHOXY]-ETHOXY}-ETHANE
4 water water
#
_entity_poly.entity_id   1
_entity_poly.type   'polypeptide(L)'
_entity_poly.pdbx_seq_one_letter_code
;IIGGEFTTIENQPWFAAIYRRHRGGSVTYVCGGSLISPCWVISATHCFIDYPKKEDYIVYLGRSRLNSNTQGEMKFEVEN
LILHKDYSADTLAHHNDIALLKIRSKEGRCAQPSRTIQTIALPSMYNDPQFGTSCEITGFGKEQSTDYLYPEQLKMTVVK
LISHRECQQPHYYGSEVTTKMLCAADPQWKTDSCQGDSGGPLVCSLQGRMTLTGIVSWGRGCALKDKPGVYTRVSHFLPW
IRSHTKEE
;
_entity_poly.pdbx_strand_id   U
#
loop_
_chem_comp.id
_chem_comp.type
_chem_comp.name
_chem_comp.formula
11E non-polymer N-[(2-amino-1,3-benzothiazol-6-yl)carbonyl]glycine 'C10 H9 N3 O3 S'
PG6 non-polymer 1-(2-METHOXY-ETHOXY)-2-{2-[2-(2-METHOXY-ETHOXY]-ETHOXY}-ETHANE 'C12 H26 O6'
#
# COMPACT_ATOMS: atom_id res chain seq x y z
N ILE A 1 10.05 4.41 -3.02
CA ILE A 1 9.70 5.85 -2.92
C ILE A 1 10.88 6.61 -3.52
N ILE A 2 10.60 7.24 -4.66
CA ILE A 2 11.57 8.08 -5.38
C ILE A 2 11.54 9.47 -4.72
N GLY A 3 12.67 10.02 -4.33
CA GLY A 3 12.64 11.30 -3.61
C GLY A 3 12.05 11.19 -2.22
N GLY A 4 11.28 12.19 -1.80
CA GLY A 4 10.77 12.22 -0.42
C GLY A 4 11.83 12.14 0.63
N GLU A 5 11.53 11.52 1.75
CA GLU A 5 12.44 11.60 2.87
C GLU A 5 12.41 10.31 3.70
N PHE A 6 13.42 10.10 4.54
CA PHE A 6 13.39 8.99 5.48
C PHE A 6 12.47 9.24 6.64
N THR A 7 11.85 8.16 7.12
CA THR A 7 10.98 8.23 8.24
C THR A 7 11.13 7.03 9.15
N THR A 8 10.38 7.03 10.26
CA THR A 8 10.26 5.88 11.15
C THR A 8 8.76 5.49 11.30
N ILE A 9 8.53 4.31 11.85
CA ILE A 9 7.15 3.82 11.96
C ILE A 9 6.20 4.70 12.79
N GLU A 10 6.71 5.45 13.76
CA GLU A 10 5.91 6.45 14.49
C GLU A 10 5.19 7.41 13.62
N ASN A 11 5.73 7.69 12.46
CA ASN A 11 5.08 8.63 11.52
C ASN A 11 4.11 8.01 10.54
N GLN A 12 3.99 6.70 10.60
CA GLN A 12 3.02 5.96 9.79
C GLN A 12 2.73 4.63 10.52
N PRO A 13 2.15 4.72 11.73
CA PRO A 13 2.14 3.56 12.65
C PRO A 13 1.26 2.42 12.19
N TRP A 14 0.49 2.65 11.13
CA TRP A 14 -0.35 1.61 10.54
C TRP A 14 0.33 0.83 9.41
N PHE A 15 1.55 1.21 9.06
CA PHE A 15 2.20 0.60 7.94
C PHE A 15 2.61 -0.83 8.32
N ALA A 16 2.35 -1.79 7.42
CA ALA A 16 2.70 -3.19 7.64
C ALA A 16 3.69 -3.62 6.62
N ALA A 17 4.67 -4.38 7.07
CA ALA A 17 5.70 -4.85 6.19
C ALA A 17 5.45 -6.33 5.92
N ILE A 18 5.18 -6.67 4.65
CA ILE A 18 4.79 -8.05 4.30
C ILE A 18 5.98 -8.74 3.57
N TYR A 19 6.37 -9.90 4.11
CA TYR A 19 7.48 -10.75 3.60
C TYR A 19 6.97 -12.16 3.22
N ARG A 20 7.74 -12.92 2.46
CA ARG A 20 7.32 -14.30 2.12
C ARG A 20 8.48 -15.26 2.36
N ARG A 21 8.21 -16.42 2.91
CA ARG A 21 9.22 -17.45 3.06
C ARG A 21 9.38 -18.21 1.77
N HIS A 22 10.61 -18.42 1.38
CA HIS A 22 10.94 -19.18 0.22
C HIS A 22 11.22 -20.56 0.74
N ARG A 23 10.94 -21.57 -0.04
CA ARG A 23 11.42 -22.93 0.12
C ARG A 23 12.89 -22.88 0.15
N GLY A 24 13.46 -23.43 1.20
CA GLY A 24 14.85 -23.24 1.52
C GLY A 24 14.99 -22.24 2.67
N GLY A 25 13.99 -21.40 2.83
CA GLY A 25 13.86 -20.61 4.04
C GLY A 25 14.38 -19.22 4.10
N SER A 26 14.83 -18.70 3.00
CA SER A 26 15.13 -17.29 2.95
C SER A 26 13.79 -16.50 3.07
N VAL A 27 13.82 -15.34 3.67
CA VAL A 27 12.69 -14.47 3.78
C VAL A 27 13.03 -13.21 3.01
N THR A 28 12.16 -12.83 2.07
CA THR A 28 12.34 -11.69 1.15
C THR A 28 11.15 -10.75 1.34
N TYR A 29 11.35 -9.44 1.12
CA TYR A 29 10.21 -8.47 1.26
C TYR A 29 9.29 -8.57 0.08
N VAL A 30 7.97 -8.38 0.31
CA VAL A 30 6.93 -8.50 -0.73
C VAL A 30 6.33 -7.13 -1.09
N CYS A 31 5.74 -6.48 -0.10
CA CYS A 31 4.95 -5.28 -0.28
C CYS A 31 4.59 -4.70 1.08
N GLY A 32 4.05 -3.50 1.05
CA GLY A 32 3.49 -2.85 2.21
C GLY A 32 2.03 -3.20 2.36
N GLY A 33 1.47 -2.77 3.48
CA GLY A 33 0.04 -2.74 3.72
C GLY A 33 -0.29 -1.80 4.88
N SER A 34 -1.57 -1.74 5.21
CA SER A 34 -2.11 -0.82 6.21
C SER A 34 -3.05 -1.56 7.16
N LEU A 35 -2.82 -1.34 8.44
CA LEU A 35 -3.65 -1.90 9.48
C LEU A 35 -4.90 -1.07 9.63
N ILE A 36 -6.04 -1.71 9.36
CA ILE A 36 -7.32 -1.12 9.43
C ILE A 36 -8.08 -1.59 10.70
N SER A 37 -7.62 -2.61 11.40
CA SER A 37 -8.24 -2.97 12.64
C SER A 37 -7.26 -3.95 13.22
N PRO A 38 -7.38 -4.29 14.53
CA PRO A 38 -6.46 -5.17 15.19
C PRO A 38 -6.05 -6.41 14.42
N CYS A 39 -6.98 -7.06 13.69
CA CYS A 39 -6.69 -8.37 13.02
C CYS A 39 -6.60 -8.27 11.51
N TRP A 40 -6.73 -7.08 10.95
CA TRP A 40 -6.85 -6.95 9.52
C TRP A 40 -5.89 -5.96 8.94
N VAL A 41 -5.02 -6.48 8.05
CA VAL A 41 -4.19 -5.65 7.18
C VAL A 41 -4.71 -5.57 5.73
N ILE A 42 -4.75 -4.36 5.17
CA ILE A 42 -5.17 -4.18 3.79
C ILE A 42 -3.99 -3.87 2.84
N SER A 43 -3.99 -4.48 1.64
CA SER A 43 -2.84 -4.41 0.72
C SER A 43 -3.35 -4.55 -0.73
N ALA A 44 -2.46 -4.81 -1.69
CA ALA A 44 -2.84 -5.07 -3.08
C ALA A 44 -2.83 -6.56 -3.37
N THR A 45 -3.78 -7.07 -4.13
CA THR A 45 -3.80 -8.49 -4.62
C THR A 45 -2.59 -8.91 -5.49
N HIS A 46 -2.10 -7.99 -6.33
CA HIS A 46 -0.94 -8.30 -7.19
C HIS A 46 0.34 -8.71 -6.44
N CYS A 47 0.49 -8.27 -5.20
CA CYS A 47 1.60 -8.70 -4.36
C CYS A 47 1.61 -10.19 -4.07
N PHE A 48 0.48 -10.82 -4.28
CA PHE A 48 0.17 -12.14 -3.76
C PHE A 48 -0.24 -13.23 -4.77
N ILE A 49 -0.70 -12.79 -5.92
CA ILE A 49 -1.37 -13.62 -6.92
C ILE A 49 -0.59 -14.81 -7.40
N ASP A 50 0.71 -14.64 -7.54
CA ASP A 50 1.63 -15.73 -7.90
C ASP A 50 1.93 -16.76 -6.77
N TYR A 51 1.74 -16.36 -5.52
CA TYR A 51 1.96 -17.21 -4.37
C TYR A 51 0.81 -17.05 -3.39
N PRO A 52 -0.37 -17.57 -3.90
CA PRO A 52 -1.55 -17.24 -3.09
C PRO A 52 -1.75 -17.92 -1.75
N LYS A 53 -0.80 -18.70 -1.30
CA LYS A 53 -0.90 -19.50 -0.08
C LYS A 53 -0.52 -18.77 1.23
N LYS A 54 -1.47 -18.61 2.14
CA LYS A 54 -1.35 -17.75 3.32
C LYS A 54 -0.27 -18.14 4.27
N GLU A 55 0.48 -19.66 4.05
CA GLU A 55 1.44 -20.04 5.06
C GLU A 55 2.84 -19.55 4.72
N ASP A 56 3.00 -18.89 3.58
CA ASP A 56 4.32 -18.42 3.17
C ASP A 56 4.61 -16.98 3.60
N TYR A 57 3.61 -16.31 4.16
CA TYR A 57 3.68 -14.88 4.41
C TYR A 57 3.92 -14.58 5.88
N ILE A 58 4.69 -13.52 6.11
CA ILE A 58 4.96 -12.94 7.40
C ILE A 58 4.69 -11.44 7.30
N VAL A 59 4.03 -10.92 8.32
CA VAL A 59 3.64 -9.52 8.40
C VAL A 59 4.21 -8.95 9.68
N TYR A 60 4.97 -7.88 9.57
CA TYR A 60 5.43 -7.14 10.74
C TYR A 60 4.64 -5.87 10.87
N LEU A 61 4.31 -5.55 12.11
CA LEU A 61 3.78 -4.24 12.50
C LEU A 61 4.82 -3.49 13.40
N GLY A 62 4.77 -2.17 13.38
CA GLY A 62 5.71 -1.42 14.17
C GLY A 62 7.17 -1.44 13.76
N ARG A 63 7.43 -1.69 12.47
CA ARG A 63 8.80 -1.93 11.96
C ARG A 63 9.20 -0.83 11.00
N SER A 64 10.32 -0.13 11.29
CA SER A 64 10.81 1.02 10.53
C SER A 64 11.91 0.63 9.57
N ARG A 65 12.52 -0.56 9.74
CA ARG A 65 13.68 -1.02 8.93
C ARG A 65 13.44 -2.34 8.14
N LEU A 66 14.13 -2.57 7.01
CA LEU A 66 13.80 -3.71 6.08
C LEU A 66 14.32 -5.07 6.58
N ASN A 67 15.59 -5.06 6.97
CA ASN A 67 16.33 -6.29 7.27
C ASN A 67 16.88 -6.38 8.66
N SER A 68 16.32 -5.54 9.55
CA SER A 68 16.70 -5.52 10.95
C SER A 68 15.46 -5.25 11.76
N ASN A 69 15.43 -5.73 12.99
CA ASN A 69 14.22 -5.64 13.75
C ASN A 69 14.13 -4.31 14.40
N THR A 70 12.93 -3.76 14.49
CA THR A 70 12.74 -2.52 15.23
C THR A 70 12.23 -2.83 16.62
N GLN A 71 12.73 -2.14 17.62
CA GLN A 71 12.22 -2.34 18.99
C GLN A 71 10.69 -2.17 19.11
N GLY A 72 10.00 -3.14 19.72
CA GLY A 72 8.54 -3.07 19.86
C GLY A 72 7.71 -3.55 18.66
N GLU A 73 8.36 -4.09 17.64
CA GLU A 73 7.63 -4.60 16.49
C GLU A 73 6.82 -5.83 16.89
N MET A 74 5.73 -6.09 16.16
CA MET A 74 4.97 -7.36 16.31
C MET A 74 4.97 -8.14 15.02
N LYS A 75 5.21 -9.42 15.15
CA LYS A 75 5.33 -10.31 14.02
C LYS A 75 4.11 -11.22 13.99
N PHE A 76 3.59 -11.47 12.79
CA PHE A 76 2.36 -12.20 12.65
C PHE A 76 2.47 -13.20 11.55
N GLU A 77 1.56 -14.17 11.60
CA GLU A 77 1.26 -15.01 10.49
C GLU A 77 -0.02 -14.51 9.90
N VAL A 78 -0.31 -15.03 8.70
CA VAL A 78 -1.53 -14.78 7.97
C VAL A 78 -2.47 -15.93 8.23
N GLU A 79 -3.42 -15.70 9.13
CA GLU A 79 -4.47 -16.66 9.34
C GLU A 79 -5.33 -16.75 8.07
N ASN A 80 -5.19 -15.77 7.18
CA ASN A 80 -6.17 -15.55 6.12
C ASN A 80 -5.76 -14.59 5.00
N LEU A 81 -5.65 -15.08 3.77
CA LEU A 81 -5.26 -14.23 2.62
C LEU A 81 -6.43 -14.12 1.66
N ILE A 82 -6.99 -12.91 1.55
CA ILE A 82 -8.24 -12.70 0.82
C ILE A 82 -7.95 -11.81 -0.38
N LEU A 83 -8.05 -12.40 -1.56
CA LEU A 83 -7.75 -11.70 -2.82
C LEU A 83 -9.04 -11.38 -3.56
N HIS A 84 -9.03 -10.30 -4.36
CA HIS A 84 -10.28 -9.80 -4.86
C HIS A 84 -10.67 -10.65 -6.04
N LYS A 85 -11.83 -11.26 -5.96
CA LYS A 85 -12.24 -12.20 -7.00
C LYS A 85 -12.20 -11.60 -8.39
N ASP A 86 -12.49 -10.33 -8.51
CA ASP A 86 -12.51 -9.67 -9.80
C ASP A 86 -11.20 -9.07 -10.27
N TYR A 87 -10.13 -9.45 -9.61
CA TYR A 87 -8.86 -8.96 -10.02
C TYR A 87 -8.59 -9.27 -11.48
N SER A 88 -7.83 -8.40 -12.09
CA SER A 88 -7.44 -8.55 -13.44
C SER A 88 -6.19 -7.71 -13.73
N ALA A 89 -5.26 -8.33 -14.41
CA ALA A 89 -4.05 -7.65 -14.79
C ALA A 89 -3.91 -7.56 -16.29
N ASP A 90 -3.81 -6.33 -16.77
CA ASP A 90 -3.46 -5.98 -18.13
C ASP A 90 -1.96 -5.79 -18.17
N THR A 91 -1.34 -5.30 -19.25
CA THR A 91 0.16 -5.07 -19.31
C THR A 91 0.73 -4.30 -18.12
N LEU A 92 0.16 -3.11 -17.84
CA LEU A 92 0.32 -2.30 -16.64
C LEU A 92 -0.85 -2.39 -15.65
N ALA A 93 -2.05 -2.06 -16.07
CA ALA A 93 -3.13 -1.78 -15.18
C ALA A 93 -3.54 -3.00 -14.50
N HIS A 94 -3.72 -2.91 -13.20
CA HIS A 94 -4.31 -3.97 -12.41
C HIS A 94 -5.67 -3.46 -11.97
N HIS A 95 -6.71 -4.22 -12.15
CA HIS A 95 -8.04 -3.89 -11.70
C HIS A 95 -8.35 -4.64 -10.44
N ASN A 96 -9.12 -3.97 -9.56
CA ASN A 96 -9.55 -4.47 -8.26
C ASN A 96 -8.36 -4.94 -7.44
N ASP A 97 -7.34 -4.08 -7.37
CA ASP A 97 -6.06 -4.50 -6.81
C ASP A 97 -6.12 -4.24 -5.33
N ILE A 98 -6.76 -5.19 -4.64
CA ILE A 98 -7.05 -5.03 -3.19
C ILE A 98 -7.07 -6.41 -2.52
N ALA A 99 -6.50 -6.49 -1.32
CA ALA A 99 -6.33 -7.72 -0.59
C ALA A 99 -6.38 -7.44 0.91
N LEU A 100 -6.93 -8.42 1.63
CA LEU A 100 -7.06 -8.43 3.08
C LEU A 100 -6.28 -9.57 3.64
N LEU A 101 -5.52 -9.30 4.66
CA LEU A 101 -4.78 -10.32 5.33
C LEU A 101 -5.22 -10.26 6.77
N LYS A 102 -5.70 -11.39 7.29
CA LYS A 102 -6.10 -11.47 8.69
C LYS A 102 -4.93 -11.98 9.47
N ILE A 103 -4.41 -11.16 10.33
CA ILE A 103 -3.19 -11.45 11.02
C ILE A 103 -3.37 -12.19 12.37
N ARG A 104 -2.47 -13.07 12.72
CA ARG A 104 -2.43 -13.62 14.08
C ARG A 104 -1.02 -14.03 14.53
N SER A 105 -0.65 -13.75 15.75
CA SER A 105 0.62 -14.17 16.30
C SER A 105 0.74 -15.68 16.61
N LYS A 106 1.94 -16.19 16.82
CA LYS A 106 2.14 -17.52 17.34
C LYS A 106 1.34 -17.76 18.61
N GLU A 107 1.07 -16.73 19.36
CA GLU A 107 0.28 -16.78 20.58
C GLU A 107 -1.22 -16.52 20.28
N GLY A 108 -1.55 -16.39 19.01
CA GLY A 108 -2.89 -16.27 18.55
C GLY A 108 -3.60 -14.98 18.73
N ARG A 109 -2.86 -13.89 18.87
CA ARG A 109 -3.44 -12.60 18.94
C ARG A 109 -3.21 -11.59 17.82
N CYS A 110 -4.04 -10.60 17.80
CA CYS A 110 -4.08 -9.65 16.76
C CYS A 110 -3.05 -8.51 17.14
N ALA A 111 -3.09 -7.33 16.53
CA ALA A 111 -2.31 -6.16 16.96
C ALA A 111 -2.80 -5.55 18.30
N GLN A 112 -1.85 -5.25 19.17
CA GLN A 112 -2.06 -4.44 20.36
C GLN A 112 -1.52 -3.03 20.07
N PRO A 113 -2.39 -2.02 20.12
CA PRO A 113 -1.83 -0.78 19.72
C PRO A 113 -0.77 -0.24 20.68
N SER A 114 0.07 0.62 20.11
CA SER A 114 1.15 1.21 20.79
C SER A 114 1.52 2.58 20.14
N ARG A 115 2.63 3.16 20.56
CA ARG A 115 3.10 4.37 19.93
C ARG A 115 3.53 4.10 18.49
N THR A 116 4.01 2.88 18.21
CA THR A 116 4.46 2.49 16.87
C THR A 116 3.46 1.66 15.99
N ILE A 117 2.26 1.33 16.52
CA ILE A 117 1.27 0.43 15.89
C ILE A 117 -0.13 0.96 16.24
N GLN A 118 -0.79 1.62 15.32
CA GLN A 118 -2.15 2.15 15.45
C GLN A 118 -2.86 1.76 14.15
N THR A 119 -4.16 2.05 14.05
CA THR A 119 -4.94 1.70 12.86
C THR A 119 -5.19 3.02 12.08
N ILE A 120 -5.60 2.90 10.82
CA ILE A 120 -5.89 4.01 9.94
C ILE A 120 -7.37 3.83 9.57
N ALA A 121 -8.10 4.94 9.61
CA ALA A 121 -9.49 5.03 9.17
C ALA A 121 -9.66 4.80 7.69
N LEU A 122 -10.73 4.10 7.29
CA LEU A 122 -11.16 4.04 5.90
C LEU A 122 -11.91 5.34 5.59
N PRO A 123 -11.97 5.76 4.29
CA PRO A 123 -12.82 6.88 3.93
C PRO A 123 -14.24 6.41 3.96
N SER A 124 -15.14 7.35 4.05
CA SER A 124 -16.55 7.02 3.92
C SER A 124 -16.78 6.95 2.43
N MET A 125 -17.82 6.21 2.07
CA MET A 125 -18.13 5.84 0.70
C MET A 125 -18.10 6.97 -0.32
N TYR A 126 -17.45 6.71 -1.46
CA TYR A 126 -17.32 7.67 -2.57
C TYR A 126 -16.88 9.05 -2.09
N ASN A 127 -16.10 9.13 -1.00
CA ASN A 127 -15.63 10.41 -0.46
C ASN A 127 -14.09 10.49 -0.50
N ASP A 128 -13.57 11.34 -1.39
CA ASP A 128 -12.12 11.50 -1.63
C ASP A 128 -11.80 12.96 -1.71
N PRO A 129 -10.53 13.33 -1.49
CA PRO A 129 -10.27 14.76 -1.63
C PRO A 129 -10.35 15.20 -3.11
N GLN A 130 -10.53 16.49 -3.32
CA GLN A 130 -10.48 17.08 -4.65
C GLN A 130 -9.08 17.00 -5.25
N PHE A 131 -9.04 17.02 -6.58
CA PHE A 131 -7.77 16.94 -7.28
C PHE A 131 -6.89 18.11 -6.83
N GLY A 132 -5.59 17.91 -6.94
CA GLY A 132 -4.66 18.84 -6.37
C GLY A 132 -4.40 18.70 -4.88
N THR A 133 -5.16 17.88 -4.17
CA THR A 133 -4.91 17.67 -2.75
C THR A 133 -3.55 16.95 -2.55
N SER A 134 -2.82 17.32 -1.50
CA SER A 134 -1.56 16.66 -1.12
C SER A 134 -1.80 15.45 -0.17
N CYS A 135 -1.35 14.27 -0.59
CA CYS A 135 -1.40 13.13 0.28
C CYS A 135 0.01 12.60 0.48
N GLU A 136 0.16 11.70 1.45
CA GLU A 136 1.42 11.02 1.67
C GLU A 136 1.37 9.53 1.28
N ILE A 137 2.52 9.04 0.84
CA ILE A 137 2.73 7.62 0.53
C ILE A 137 3.93 7.14 1.29
N THR A 138 3.91 5.89 1.72
CA THR A 138 4.96 5.30 2.57
C THR A 138 5.39 3.96 2.00
N GLY A 139 6.68 3.69 2.04
CA GLY A 139 7.13 2.32 1.78
C GLY A 139 8.62 2.10 1.79
N PHE A 140 8.98 0.82 1.58
CA PHE A 140 10.34 0.33 1.43
C PHE A 140 10.78 0.09 -0.05
N GLY A 141 10.06 0.66 -1.01
CA GLY A 141 10.34 0.49 -2.41
C GLY A 141 11.59 1.21 -2.89
N LYS A 142 11.97 0.96 -4.14
CA LYS A 142 13.21 1.55 -4.68
C LYS A 142 13.26 3.11 -4.57
N GLU A 143 14.49 3.64 -4.36
CA GLU A 143 14.77 5.09 -4.25
C GLU A 143 15.03 5.75 -5.60
N GLN A 144 15.52 4.94 -6.52
CA GLN A 144 15.66 5.22 -7.94
C GLN A 144 15.30 3.98 -8.78
N SER A 145 14.73 4.18 -9.95
CA SER A 145 14.30 3.08 -10.79
C SER A 145 15.45 2.13 -11.14
N THR A 146 16.64 2.67 -11.34
CA THR A 146 17.75 1.80 -11.66
C THR A 146 18.32 1.02 -10.46
N ASP A 147 17.83 1.26 -9.24
CA ASP A 147 18.43 0.62 -8.09
C ASP A 147 18.19 -0.89 -8.17
N TYR A 148 19.11 -1.68 -7.63
CA TYR A 148 18.88 -3.09 -7.36
C TYR A 148 18.34 -3.31 -5.96
N LEU A 149 18.98 -2.60 -5.04
CA LEU A 149 18.60 -2.61 -3.63
C LEU A 149 17.33 -1.76 -3.31
N TYR A 150 16.67 -2.16 -2.24
CA TYR A 150 15.62 -1.43 -1.62
C TYR A 150 16.24 -0.76 -0.42
N PRO A 151 15.67 0.38 -0.02
CA PRO A 151 16.17 1.10 1.15
C PRO A 151 15.97 0.25 2.37
N GLU A 152 16.91 0.35 3.27
CA GLU A 152 16.85 -0.35 4.53
C GLU A 152 15.96 0.50 5.47
N GLN A 153 15.82 1.79 5.24
CA GLN A 153 15.04 2.64 6.11
C GLN A 153 13.72 3.03 5.43
N LEU A 154 12.62 3.03 6.18
CA LEU A 154 11.31 3.27 5.63
C LEU A 154 11.36 4.69 5.11
N LYS A 155 10.57 4.97 4.08
CA LYS A 155 10.50 6.31 3.46
C LYS A 155 9.09 6.70 3.21
N MET A 156 8.88 8.01 3.18
CA MET A 156 7.68 8.64 2.68
C MET A 156 7.91 9.88 1.83
N THR A 157 6.84 10.26 1.14
CA THR A 157 6.83 11.43 0.27
C THR A 157 5.38 11.92 0.08
N VAL A 158 5.26 13.01 -0.63
CA VAL A 158 4.00 13.73 -0.80
C VAL A 158 3.81 13.70 -2.29
N VAL A 159 2.60 13.37 -2.73
CA VAL A 159 2.17 13.51 -4.10
C VAL A 159 0.80 14.10 -4.09
N LYS A 160 0.41 14.77 -5.19
CA LYS A 160 -0.92 15.40 -5.31
C LYS A 160 -1.86 14.61 -6.20
N LEU A 161 -3.12 14.53 -5.77
CA LEU A 161 -4.22 13.85 -6.46
C LEU A 161 -4.46 14.49 -7.83
N ILE A 162 -4.55 13.63 -8.83
CA ILE A 162 -4.82 14.00 -10.21
C ILE A 162 -6.27 13.58 -10.56
N SER A 163 -7.04 14.44 -11.22
CA SER A 163 -8.42 14.12 -11.69
C SER A 163 -8.46 12.95 -12.63
N HIS A 164 -9.54 12.20 -12.53
CA HIS A 164 -9.92 11.13 -13.45
C HIS A 164 -9.69 11.60 -14.89
N ARG A 165 -10.12 12.84 -15.15
CA ARG A 165 -10.04 13.50 -16.45
C ARG A 165 -8.62 13.77 -16.99
N GLU A 166 -7.75 14.35 -16.18
CA GLU A 166 -6.32 14.41 -16.50
C GLU A 166 -5.68 13.03 -16.74
N CYS A 167 -5.99 12.09 -15.87
CA CYS A 167 -5.32 10.85 -15.95
C CYS A 167 -5.79 10.04 -17.15
N GLN A 168 -6.99 10.36 -17.60
CA GLN A 168 -7.71 9.80 -18.75
C GLN A 168 -6.97 9.99 -20.04
N GLN A 169 -6.19 11.03 -20.14
CA GLN A 169 -5.63 11.43 -21.41
C GLN A 169 -4.75 10.39 -22.00
N PRO A 170 -4.62 10.54 -23.39
CA PRO A 170 -3.69 9.63 -24.07
C PRO A 170 -2.29 9.64 -23.55
N HIS A 171 -1.67 10.82 -23.49
CA HIS A 171 -0.32 11.01 -23.05
C HIS A 171 -0.13 10.67 -21.60
N TYR A 172 -1.20 10.34 -20.91
CA TYR A 172 -1.11 9.82 -19.59
C TYR A 172 -1.35 8.33 -19.65
N TYR A 173 -2.45 7.85 -19.11
CA TYR A 173 -2.76 6.43 -19.10
C TYR A 173 -3.90 5.98 -20.02
N GLY A 174 -4.51 6.90 -20.76
CA GLY A 174 -5.69 6.55 -21.57
C GLY A 174 -6.71 5.85 -20.72
N SER A 175 -7.22 4.73 -21.23
CA SER A 175 -8.26 3.91 -20.58
C SER A 175 -7.76 2.84 -19.62
N GLU A 176 -6.45 2.75 -19.45
CA GLU A 176 -5.89 1.86 -18.45
C GLU A 176 -6.45 2.23 -17.04
N VAL A 177 -6.76 3.52 -16.80
CA VAL A 177 -7.21 4.05 -15.49
C VAL A 177 -8.75 4.17 -15.37
N THR A 178 -9.30 3.56 -14.33
CA THR A 178 -10.76 3.61 -14.14
C THR A 178 -11.13 4.57 -12.97
N THR A 179 -12.42 4.76 -12.78
CA THR A 179 -12.96 5.36 -11.57
C THR A 179 -12.80 4.55 -10.29
N LYS A 180 -12.35 3.30 -10.39
CA LYS A 180 -11.93 2.53 -9.23
C LYS A 180 -10.45 2.72 -8.84
N MET A 181 -9.75 3.56 -9.59
CA MET A 181 -8.33 3.92 -9.43
C MET A 181 -8.17 5.39 -9.14
N LEU A 182 -7.05 5.72 -8.51
CA LEU A 182 -6.67 7.15 -8.35
C LEU A 182 -5.26 7.35 -8.83
N CYS A 183 -5.05 8.51 -9.45
CA CYS A 183 -3.74 8.91 -9.93
C CYS A 183 -3.20 9.95 -8.99
N ALA A 184 -1.90 9.99 -8.83
CA ALA A 184 -1.31 10.95 -7.97
C ALA A 184 0.13 11.11 -8.38
N ALA A 185 0.60 12.33 -8.26
CA ALA A 185 1.90 12.64 -8.77
C ALA A 185 2.40 13.97 -8.29
N ASP A 186 3.72 14.12 -8.48
CA ASP A 186 4.41 15.33 -8.19
C ASP A 186 4.24 16.24 -9.41
N PRO A 187 3.92 17.82 -9.30
CA PRO A 187 3.88 18.82 -10.38
C PRO A 187 5.15 18.83 -11.25
N GLN A 188 6.56 18.22 -10.73
CA GLN A 188 7.86 18.16 -11.39
C GLN A 188 8.25 16.72 -11.68
N TRP A 189 7.29 15.82 -11.46
CA TRP A 189 7.45 14.34 -11.63
C TRP A 189 8.65 13.88 -10.90
N LYS A 190 8.93 14.55 -9.80
CA LYS A 190 10.22 14.51 -9.06
C LYS A 190 10.27 13.36 -8.03
N THR A 191 9.10 13.00 -7.53
CA THR A 191 8.96 12.08 -6.42
C THR A 191 7.72 11.23 -6.70
N ASP A 192 7.75 9.99 -6.21
CA ASP A 192 6.81 8.99 -6.63
C ASP A 192 6.95 7.68 -5.81
N SER A 193 5.94 6.82 -5.96
CA SER A 193 6.06 5.39 -5.63
C SER A 193 6.82 4.66 -6.71
N CYS A 194 7.40 3.52 -6.32
CA CYS A 194 8.19 2.70 -7.22
C CYS A 194 8.12 1.28 -6.77
N GLN A 195 8.87 0.43 -7.44
CA GLN A 195 8.85 -1.01 -7.23
C GLN A 195 9.13 -1.35 -5.80
N GLY A 196 8.22 -2.08 -5.17
CA GLY A 196 8.36 -2.43 -3.78
C GLY A 196 7.46 -1.62 -2.87
N ASP A 197 6.92 -0.50 -3.34
CA ASP A 197 5.98 0.28 -2.53
C ASP A 197 4.55 -0.25 -2.63
N SER A 198 4.31 -1.24 -3.46
CA SER A 198 2.94 -1.70 -3.73
C SER A 198 2.32 -2.22 -2.46
N GLY A 199 1.02 -2.04 -2.35
CA GLY A 199 0.28 -2.47 -1.19
C GLY A 199 0.22 -1.47 -0.06
N GLY A 200 1.03 -0.44 -0.05
CA GLY A 200 1.04 0.45 1.09
C GLY A 200 0.14 1.64 0.91
N PRO A 201 0.11 2.54 1.93
CA PRO A 201 -0.90 3.53 2.02
C PRO A 201 -0.71 4.79 1.21
N LEU A 202 -1.78 5.27 0.61
CA LEU A 202 -1.89 6.70 0.26
C LEU A 202 -2.87 7.30 1.28
N VAL A 203 -2.36 8.18 2.11
CA VAL A 203 -3.10 8.73 3.23
C VAL A 203 -3.32 10.22 3.00
N CYS A 204 -4.59 10.59 2.98
CA CYS A 204 -5.01 11.99 2.80
C CYS A 204 -5.78 12.48 4.05
N SER A 205 -5.61 13.75 4.41
CA SER A 205 -6.36 14.31 5.49
C SER A 205 -7.72 14.70 4.92
N LEU A 206 -8.76 14.05 5.39
CA LEU A 206 -10.08 14.19 4.79
C LEU A 206 -11.06 14.47 5.92
N GLN A 207 -11.66 15.64 5.88
CA GLN A 207 -12.41 16.19 7.02
C GLN A 207 -11.51 16.08 8.27
N GLY A 208 -10.30 16.64 8.15
CA GLY A 208 -9.34 16.65 9.23
C GLY A 208 -9.20 15.33 9.96
N ARG A 209 -9.23 14.22 9.22
CA ARG A 209 -8.76 12.94 9.77
C ARG A 209 -7.85 12.25 8.80
N MET A 210 -6.84 11.58 9.30
CA MET A 210 -5.95 10.78 8.44
C MET A 210 -6.74 9.58 7.92
N THR A 211 -6.87 9.54 6.58
CA THR A 211 -7.73 8.58 5.91
C THR A 211 -7.00 7.78 4.85
N LEU A 212 -7.23 6.46 4.85
CA LEU A 212 -6.65 5.58 3.85
C LEU A 212 -7.37 5.73 2.50
N THR A 213 -6.92 6.68 1.70
CA THR A 213 -7.57 7.04 0.45
C THR A 213 -7.21 6.02 -0.67
N GLY A 214 -5.97 5.55 -0.66
CA GLY A 214 -5.52 4.73 -1.73
C GLY A 214 -4.55 3.69 -1.24
N ILE A 215 -4.34 2.69 -2.09
CA ILE A 215 -3.38 1.63 -1.88
C ILE A 215 -2.49 1.62 -3.12
N VAL A 216 -1.18 1.90 -2.98
CA VAL A 216 -0.24 1.78 -4.08
C VAL A 216 -0.55 0.55 -4.96
N SER A 217 -0.76 0.77 -6.27
CA SER A 217 -1.09 -0.36 -7.12
C SER A 217 -0.21 -0.51 -8.38
N TRP A 218 -0.13 0.50 -9.24
CA TRP A 218 0.74 0.40 -10.42
C TRP A 218 1.17 1.75 -11.00
N GLY A 219 2.00 1.71 -12.04
CA GLY A 219 2.33 2.88 -12.85
C GLY A 219 3.33 2.46 -13.92
N ARG A 220 3.50 3.22 -14.96
CA ARG A 220 4.59 2.98 -15.88
C ARG A 220 5.86 3.71 -15.37
N GLY A 221 6.87 2.94 -14.99
CA GLY A 221 8.07 3.41 -14.37
C GLY A 221 7.79 4.17 -13.09
N CYS A 222 8.63 5.10 -12.77
CA CYS A 222 8.49 5.85 -11.57
C CYS A 222 9.09 7.24 -11.76
N ALA A 223 8.39 8.22 -11.24
CA ALA A 223 8.87 9.58 -11.31
C ALA A 223 9.19 9.91 -12.77
N LEU A 224 8.29 9.42 -13.65
CA LEU A 224 8.33 9.69 -15.07
C LEU A 224 7.30 10.73 -15.42
N LYS A 225 7.72 11.73 -16.17
CA LYS A 225 6.79 12.65 -16.80
C LYS A 225 5.60 11.92 -17.47
N ASP A 226 4.24 12.54 -17.21
CA ASP A 226 2.95 12.12 -17.67
C ASP A 226 2.62 10.72 -17.26
N LYS A 227 3.30 10.20 -16.24
CA LYS A 227 3.10 8.80 -15.86
C LYS A 227 2.90 8.69 -14.36
N PRO A 228 1.70 9.08 -13.88
CA PRO A 228 1.53 9.14 -12.43
C PRO A 228 1.58 7.75 -11.74
N GLY A 229 1.66 7.74 -10.41
CA GLY A 229 1.47 6.50 -9.68
C GLY A 229 -0.04 6.29 -9.64
N VAL A 230 -0.44 5.03 -9.65
CA VAL A 230 -1.86 4.59 -9.62
C VAL A 230 -2.11 3.71 -8.36
N TYR A 231 -3.27 3.99 -7.74
CA TYR A 231 -3.64 3.62 -6.39
C TYR A 231 -5.01 3.03 -6.47
N THR A 232 -5.31 2.04 -5.66
CA THR A 232 -6.67 1.51 -5.63
C THR A 232 -7.45 2.51 -4.83
N ARG A 233 -8.63 2.87 -5.35
CA ARG A 233 -9.50 3.90 -4.76
C ARG A 233 -10.38 3.24 -3.72
N VAL A 234 -9.94 3.33 -2.45
CA VAL A 234 -10.52 2.54 -1.31
C VAL A 234 -12.03 2.84 -1.08
N SER A 235 -12.43 4.06 -1.39
CA SER A 235 -13.77 4.52 -1.09
C SER A 235 -14.83 3.87 -2.02
N HIS A 236 -14.37 3.14 -3.03
CA HIS A 236 -15.22 2.37 -3.96
C HIS A 236 -15.17 0.87 -3.63
N PHE A 237 -14.64 0.49 -2.50
CA PHE A 237 -14.59 -0.90 -2.13
C PHE A 237 -15.02 -1.13 -0.72
N LEU A 238 -15.78 -0.22 -0.11
CA LEU A 238 -16.12 -0.44 1.32
C LEU A 238 -17.00 -1.67 1.60
N PRO A 239 -17.97 -1.97 0.72
CA PRO A 239 -18.77 -3.21 0.90
C PRO A 239 -17.91 -4.50 0.83
N TRP A 240 -17.07 -4.59 -0.21
CA TRP A 240 -16.06 -5.66 -0.29
C TRP A 240 -15.33 -5.74 1.00
N ILE A 241 -14.78 -4.62 1.49
CA ILE A 241 -13.97 -4.63 2.76
C ILE A 241 -14.84 -5.01 3.94
N ARG A 242 -16.06 -4.45 4.00
CA ARG A 242 -16.97 -4.73 5.11
C ARG A 242 -17.36 -6.19 5.16
N SER A 243 -17.78 -6.75 4.03
CA SER A 243 -18.15 -8.18 4.01
C SER A 243 -16.94 -9.03 4.36
N HIS A 244 -15.75 -8.69 3.85
CA HIS A 244 -14.68 -9.68 3.91
C HIS A 244 -13.94 -9.76 5.23
N THR A 245 -14.20 -8.78 6.09
CA THR A 245 -13.50 -8.68 7.38
C THR A 245 -14.37 -9.22 8.52
N LYS A 246 -15.06 -10.32 8.29
CA LYS A 246 -15.82 -10.96 9.38
C LYS A 246 -15.83 -12.50 9.33
N GLU A 247 -16.97 -13.05 9.81
CA GLU A 247 -17.15 -14.40 10.35
C GLU A 247 -18.03 -15.31 9.50
N GLU A 248 -18.97 -14.71 8.78
O3 11E B . 6.93 -4.14 -6.30
C9 11E B . 6.26 -4.28 -7.27
O2 11E B . 5.11 -4.28 -7.21
C8 11E B . 6.80 -4.37 -8.61
N1 11E B . 6.51 -3.02 -8.94
C7 11E B . 6.50 -2.51 -10.16
O1 11E B . 6.82 -3.12 -11.16
C3 11E B . 6.16 -1.07 -10.20
C2 11E B . 6.87 -0.23 -11.08
C4 11E B . 5.19 -0.57 -9.32
C5 11E B . 4.97 0.79 -9.37
S1 11E B . 3.83 1.53 -8.41
C6 11E B . 5.64 1.66 -10.26
C1 11E B . 6.59 1.13 -11.13
N2 11E B . 5.20 2.96 -10.09
C10 11E B . 4.23 3.05 -9.14
N3 11E B . 3.65 4.22 -8.83
O1 PG6 C . -2.90 17.04 7.46
C2 PG6 C . -1.97 16.02 7.13
C3 PG6 C . -1.96 15.80 5.62
O2 PG6 C . -0.92 14.93 5.17
C4 PG6 C . -0.64 15.10 3.76
C5 PG6 C . 0.72 15.79 3.61
O3 PG6 C . 0.71 16.86 2.66
C6 PG6 C . 1.11 18.15 3.17
C7 PG6 C . 2.62 18.17 3.43
O4 PG6 C . 2.95 18.77 4.68
#